data_8K8L
#
_entry.id   8K8L
#
_cell.length_a   28.102
_cell.length_b   72.775
_cell.length_c   125.234
_cell.angle_alpha   90.000
_cell.angle_beta   90.000
_cell.angle_gamma   90.000
#
_symmetry.space_group_name_H-M   'P 21 21 21'
#
loop_
_entity.id
_entity.type
_entity.pdbx_description
1 polymer 'Molybdate transporter periplasmic protein'
2 non-polymer 'MOLYBDATE ION'
3 water water
#
_entity_poly.entity_id   1
_entity_poly.type   'polypeptide(L)'
_entity_poly.pdbx_seq_one_letter_code
;MAGSWLRGVVGVSLTLCVAGQALAAEGKVTVFAAASLTNAMQDIAQAYKKEKNIEVVSSFASSSTLARQIEAGAPADLFI
SADQKWMDYAADKKAIDPATRATLLGNSLVVVAPKASAQGAITIDEKTDWTSLLKGGRLAVGDPQHVPAGIYAKEALQKL
GAWETLSPKLAPAEDVRGALALVERNEAPLGIVYGSDAVASKGVKVVGTFPEASHQKVEYPLAIVDGHRNAAVSAFYDYL
KGPEASAIFKRYGFTTR
;
_entity_poly.pdbx_strand_id   A
#
# COMPACT_ATOMS: atom_id res chain seq x y z
N GLY A 27 28.00 -11.24 -4.09
CA GLY A 27 27.21 -11.35 -2.87
C GLY A 27 25.72 -11.28 -3.14
N LYS A 28 24.91 -11.52 -2.12
CA LYS A 28 23.46 -11.48 -2.30
C LYS A 28 22.77 -11.08 -1.00
N VAL A 29 21.61 -10.45 -1.17
CA VAL A 29 20.76 -9.98 -0.09
C VAL A 29 19.39 -10.58 -0.31
N THR A 30 18.78 -11.09 0.76
CA THR A 30 17.46 -11.72 0.68
C THR A 30 16.43 -10.82 1.33
N VAL A 31 15.41 -10.43 0.58
CA VAL A 31 14.36 -9.55 1.08
C VAL A 31 13.05 -10.33 1.15
N PHE A 32 12.38 -10.27 2.30
CA PHE A 32 11.00 -10.72 2.41
C PHE A 32 10.12 -9.48 2.35
N ALA A 33 9.30 -9.39 1.31
CA ALA A 33 8.53 -8.19 1.06
C ALA A 33 7.07 -8.54 0.80
N ALA A 34 6.17 -7.76 1.41
CA ALA A 34 4.75 -7.89 1.11
C ALA A 34 4.51 -7.95 -0.40
N ALA A 35 3.58 -8.81 -0.81
CA ALA A 35 3.43 -9.12 -2.24
C ALA A 35 2.99 -7.91 -3.06
N SER A 36 2.36 -6.91 -2.45
CA SER A 36 1.99 -5.71 -3.19
C SER A 36 3.20 -4.96 -3.75
N LEU A 37 4.41 -5.24 -3.24
CA LEU A 37 5.63 -4.60 -3.71
C LEU A 37 6.37 -5.40 -4.78
N THR A 38 5.75 -6.46 -5.31
CA THR A 38 6.45 -7.37 -6.22
C THR A 38 7.13 -6.64 -7.39
N ASN A 39 6.37 -5.84 -8.12
CA ASN A 39 6.93 -5.25 -9.34
C ASN A 39 7.95 -4.18 -9.03
N ALA A 40 7.68 -3.35 -8.02
CA ALA A 40 8.66 -2.35 -7.62
C ALA A 40 9.96 -3.02 -7.18
N MET A 41 9.85 -4.04 -6.36
CA MET A 41 11.04 -4.69 -5.82
C MET A 41 11.83 -5.37 -6.93
N GLN A 42 11.13 -5.93 -7.92
CA GLN A 42 11.82 -6.56 -9.04
C GLN A 42 12.57 -5.53 -9.86
N ASP A 43 11.98 -4.35 -10.09
CA ASP A 43 12.72 -3.30 -10.80
C ASP A 43 13.92 -2.82 -9.99
N ILE A 44 13.74 -2.65 -8.67
CA ILE A 44 14.86 -2.22 -7.84
C ILE A 44 15.98 -3.26 -7.86
N ALA A 45 15.62 -4.54 -7.80
CA ALA A 45 16.63 -5.59 -7.87
C ALA A 45 17.44 -5.49 -9.15
N GLN A 46 16.78 -5.28 -10.29
CA GLN A 46 17.53 -5.23 -11.54
C GLN A 46 18.42 -3.99 -11.58
N ALA A 47 17.95 -2.87 -11.02
CA ALA A 47 18.77 -1.67 -11.01
C ALA A 47 19.98 -1.83 -10.10
N TYR A 48 19.79 -2.45 -8.94
CA TYR A 48 20.89 -2.64 -7.99
C TYR A 48 21.91 -3.65 -8.52
N LYS A 49 21.44 -4.68 -9.22
CA LYS A 49 22.37 -5.61 -9.88
C LYS A 49 23.25 -4.87 -10.88
N LYS A 50 22.64 -4.07 -11.75
CA LYS A 50 23.42 -3.45 -12.80
C LYS A 50 24.36 -2.39 -12.24
N GLU A 51 24.06 -1.83 -11.09
CA GLU A 51 24.88 -0.78 -10.50
C GLU A 51 25.96 -1.35 -9.58
N LYS A 52 25.63 -2.35 -8.77
CA LYS A 52 26.53 -2.84 -7.73
C LYS A 52 26.97 -4.28 -7.92
N ASN A 53 26.41 -5.00 -8.90
CA ASN A 53 26.72 -6.41 -9.15
C ASN A 53 26.45 -7.29 -7.93
N ILE A 54 25.33 -7.05 -7.26
CA ILE A 54 24.91 -7.91 -6.16
C ILE A 54 23.47 -8.34 -6.38
N GLU A 55 23.22 -9.63 -6.24
CA GLU A 55 21.91 -10.20 -6.50
C GLU A 55 20.99 -9.96 -5.31
N VAL A 56 19.84 -9.34 -5.55
CA VAL A 56 18.80 -9.19 -4.54
C VAL A 56 17.76 -10.26 -4.78
N VAL A 57 17.56 -11.14 -3.79
CA VAL A 57 16.64 -12.26 -3.88
C VAL A 57 15.42 -11.92 -3.05
N SER A 58 14.24 -11.93 -3.65
CA SER A 58 13.03 -11.51 -2.97
C SER A 58 12.07 -12.68 -2.83
N SER A 59 11.43 -12.77 -1.67
CA SER A 59 10.32 -13.70 -1.46
C SER A 59 9.09 -12.85 -1.13
N PHE A 60 8.03 -13.04 -1.89
CA PHE A 60 6.81 -12.25 -1.78
C PHE A 60 5.68 -13.10 -1.24
N ALA A 61 4.96 -12.57 -0.28
CA ALA A 61 3.81 -13.24 0.34
C ALA A 61 3.12 -12.19 1.21
N SER A 62 2.07 -12.60 1.90
CA SER A 62 1.40 -11.66 2.79
C SER A 62 2.33 -11.28 3.94
N SER A 63 2.06 -10.09 4.51
CA SER A 63 2.86 -9.65 5.65
C SER A 63 2.75 -10.64 6.81
N SER A 64 1.55 -11.20 7.02
CA SER A 64 1.35 -12.26 8.02
C SER A 64 2.26 -13.45 7.77
N THR A 65 2.24 -14.00 6.55
CA THR A 65 3.08 -15.16 6.22
C THR A 65 4.55 -14.86 6.47
N LEU A 66 5.06 -13.74 5.94
CA LEU A 66 6.49 -13.45 6.08
C LEU A 66 6.87 -13.21 7.54
N ALA A 67 6.03 -12.52 8.30
CA ALA A 67 6.38 -12.28 9.70
C ALA A 67 6.50 -13.59 10.47
N ARG A 68 5.62 -14.56 10.20
CA ARG A 68 5.70 -15.84 10.91
C ARG A 68 6.88 -16.66 10.44
N GLN A 69 7.24 -16.56 9.15
CA GLN A 69 8.43 -17.24 8.69
C GLN A 69 9.67 -16.66 9.37
N ILE A 70 9.73 -15.34 9.49
CA ILE A 70 10.88 -14.68 10.15
C ILE A 70 10.90 -14.98 11.64
N GLU A 71 9.73 -14.98 12.29
CA GLU A 71 9.63 -15.38 13.70
C GLU A 71 10.25 -16.75 13.93
N ALA A 72 9.98 -17.70 13.03
CA ALA A 72 10.46 -19.07 13.16
C ALA A 72 11.91 -19.23 12.72
N GLY A 73 12.60 -18.13 12.38
CA GLY A 73 14.03 -18.17 12.10
C GLY A 73 14.44 -18.22 10.65
N ALA A 74 13.55 -17.90 9.71
CA ALA A 74 13.89 -17.93 8.30
C ALA A 74 15.09 -17.01 8.01
N PRO A 75 15.94 -17.38 7.04
CA PRO A 75 17.18 -16.63 6.77
C PRO A 75 16.98 -15.40 5.88
N ALA A 76 15.94 -14.64 6.16
CA ALA A 76 15.74 -13.35 5.49
C ALA A 76 16.74 -12.32 6.04
N ASP A 77 17.26 -11.48 5.15
CA ASP A 77 18.10 -10.36 5.57
C ASP A 77 17.27 -9.14 5.91
N LEU A 78 16.27 -8.83 5.08
CA LEU A 78 15.40 -7.67 5.29
C LEU A 78 13.94 -8.08 5.25
N PHE A 79 13.11 -7.29 5.90
CA PHE A 79 11.67 -7.49 5.94
C PHE A 79 11.01 -6.15 5.63
N ILE A 80 10.15 -6.13 4.61
CA ILE A 80 9.30 -4.98 4.32
C ILE A 80 7.86 -5.44 4.50
N SER A 81 7.18 -4.91 5.51
CA SER A 81 5.80 -5.26 5.80
C SER A 81 4.87 -4.25 5.16
N ALA A 82 3.64 -4.70 4.85
CA ALA A 82 2.63 -3.79 4.33
C ALA A 82 1.88 -3.07 5.44
N ASP A 83 2.23 -3.30 6.71
CA ASP A 83 1.62 -2.56 7.81
C ASP A 83 2.56 -2.58 9.02
N GLN A 84 2.28 -1.69 9.97
CA GLN A 84 3.09 -1.64 11.18
C GLN A 84 2.80 -2.83 12.10
N LYS A 85 1.58 -3.38 12.02
CA LYS A 85 1.14 -4.43 12.92
C LYS A 85 2.05 -5.67 12.83
N TRP A 86 2.29 -6.16 11.63
CA TRP A 86 3.10 -7.36 11.50
C TRP A 86 4.56 -7.11 11.75
N MET A 87 5.03 -5.86 11.60
CA MET A 87 6.41 -5.58 11.95
C MET A 87 6.54 -5.47 13.47
N ASP A 88 5.49 -4.93 14.12
CA ASP A 88 5.38 -4.98 15.58
C ASP A 88 5.45 -6.42 16.08
N TYR A 89 4.79 -7.33 15.38
CA TYR A 89 4.81 -8.73 15.75
C TYR A 89 6.22 -9.30 15.66
N ALA A 90 6.91 -9.05 14.55
CA ALA A 90 8.27 -9.52 14.40
C ALA A 90 9.18 -8.91 15.46
N ALA A 91 8.98 -7.62 15.77
CA ALA A 91 9.79 -6.97 16.81
C ALA A 91 9.52 -7.59 18.19
N ASP A 92 8.25 -7.88 18.50
CA ASP A 92 7.92 -8.50 19.79
C ASP A 92 8.57 -9.86 19.94
N LYS A 93 8.70 -10.62 18.85
CA LYS A 93 9.36 -11.91 18.88
C LYS A 93 10.88 -11.79 18.80
N LYS A 94 11.40 -10.55 18.85
CA LYS A 94 12.83 -10.26 18.80
C LYS A 94 13.47 -10.74 17.49
N ALA A 95 12.68 -10.79 16.41
CA ALA A 95 13.18 -11.35 15.16
C ALA A 95 13.73 -10.30 14.21
N ILE A 96 13.45 -9.03 14.43
CA ILE A 96 14.04 -7.94 13.66
C ILE A 96 14.84 -7.05 14.61
N ASP A 97 15.82 -6.35 14.03
CA ASP A 97 16.67 -5.44 14.79
C ASP A 97 15.94 -4.12 14.93
N PRO A 98 15.44 -3.77 16.13
CA PRO A 98 14.62 -2.57 16.26
C PRO A 98 15.37 -1.28 15.99
N ALA A 99 16.70 -1.28 16.08
CA ALA A 99 17.44 -0.07 15.75
C ALA A 99 17.42 0.24 14.25
N THR A 100 16.93 -0.69 13.42
CA THR A 100 16.93 -0.51 11.97
C THR A 100 15.52 -0.28 11.42
N ARG A 101 14.50 -0.32 12.25
CA ARG A 101 13.13 -0.21 11.79
C ARG A 101 12.75 1.25 11.51
N ALA A 102 12.19 1.50 10.33
CA ALA A 102 11.65 2.80 9.99
C ALA A 102 10.63 2.63 8.87
N THR A 103 9.67 3.55 8.81
CA THR A 103 8.67 3.50 7.74
C THR A 103 9.35 3.87 6.43
N LEU A 104 9.23 2.99 5.44
CA LEU A 104 9.84 3.19 4.12
C LEU A 104 8.88 3.85 3.13
N LEU A 105 7.62 3.41 3.12
CA LEU A 105 6.64 3.86 2.14
C LEU A 105 5.31 4.18 2.81
N GLY A 106 4.53 5.02 2.13
CA GLY A 106 3.13 5.17 2.41
C GLY A 106 2.31 4.81 1.18
N ASN A 107 1.01 4.65 1.40
CA ASN A 107 0.04 4.52 0.30
C ASN A 107 -1.11 5.47 0.63
N SER A 108 -1.37 6.41 -0.28
CA SER A 108 -2.49 7.32 -0.10
C SER A 108 -3.81 6.58 -0.32
N LEU A 109 -4.84 7.02 0.39
CA LEU A 109 -6.19 6.52 0.20
C LEU A 109 -6.86 7.41 -0.83
N VAL A 110 -7.24 6.85 -1.98
CA VAL A 110 -7.70 7.68 -3.09
C VAL A 110 -9.10 7.28 -3.52
N VAL A 111 -9.80 8.25 -4.11
CA VAL A 111 -11.09 8.03 -4.78
C VAL A 111 -10.81 7.86 -6.27
N VAL A 112 -11.30 6.76 -6.86
CA VAL A 112 -11.09 6.47 -8.27
C VAL A 112 -12.42 6.47 -9.02
N ALA A 113 -12.37 6.75 -10.32
CA ALA A 113 -13.55 6.71 -11.17
C ALA A 113 -13.23 5.90 -12.42
N PRO A 114 -14.25 5.38 -13.12
CA PRO A 114 -13.96 4.67 -14.37
C PRO A 114 -13.32 5.61 -15.37
N LYS A 115 -12.37 5.07 -16.14
CA LYS A 115 -11.62 5.90 -17.08
C LYS A 115 -12.56 6.70 -17.99
N ALA A 116 -13.65 6.09 -18.44
CA ALA A 116 -14.58 6.72 -19.38
C ALA A 116 -15.55 7.70 -18.73
N SER A 117 -15.47 7.90 -17.42
CA SER A 117 -16.46 8.73 -16.74
C SER A 117 -16.25 10.20 -17.07
N ALA A 118 -17.36 10.96 -17.12
CA ALA A 118 -17.25 12.40 -17.24
C ALA A 118 -16.58 13.05 -16.02
N GLN A 119 -16.45 12.31 -14.92
CA GLN A 119 -15.94 12.86 -13.67
C GLN A 119 -14.50 13.35 -13.81
N GLY A 120 -14.27 14.59 -13.38
CA GLY A 120 -12.94 15.14 -13.24
C GLY A 120 -12.49 15.13 -11.78
N ALA A 121 -11.21 15.43 -11.57
CA ALA A 121 -10.68 15.43 -10.21
C ALA A 121 -11.40 16.50 -9.39
N ILE A 122 -11.62 16.20 -8.11
CA ILE A 122 -12.36 17.09 -7.21
C ILE A 122 -11.63 17.18 -5.87
N THR A 123 -12.06 18.15 -5.06
CA THR A 123 -11.44 18.36 -3.77
C THR A 123 -12.18 17.51 -2.72
N ILE A 124 -11.42 16.76 -1.92
CA ILE A 124 -11.98 15.91 -0.88
C ILE A 124 -11.84 16.62 0.46
N ASP A 125 -12.96 17.02 1.04
CA ASP A 125 -12.95 17.70 2.34
C ASP A 125 -14.34 17.55 2.96
N GLU A 126 -14.61 18.30 4.04
CA GLU A 126 -15.89 18.12 4.71
C GLU A 126 -17.07 18.57 3.86
N LYS A 127 -16.82 19.31 2.78
CA LYS A 127 -17.90 19.86 1.97
C LYS A 127 -18.12 19.09 0.67
N THR A 128 -17.43 17.98 0.48
CA THR A 128 -17.60 17.22 -0.75
C THR A 128 -19.05 16.74 -0.88
N ASP A 129 -19.64 16.96 -2.06
CA ASP A 129 -21.04 16.59 -2.32
C ASP A 129 -21.07 15.16 -2.86
N TRP A 130 -20.95 14.19 -1.95
CA TRP A 130 -20.86 12.80 -2.36
C TRP A 130 -22.13 12.33 -3.09
N THR A 131 -23.30 12.79 -2.66
CA THR A 131 -24.51 12.34 -3.33
C THR A 131 -24.51 12.77 -4.81
N SER A 132 -24.08 13.99 -5.10
CA SER A 132 -24.02 14.40 -6.50
C SER A 132 -22.96 13.62 -7.26
N LEU A 133 -21.84 13.32 -6.62
CA LEU A 133 -20.78 12.61 -7.33
C LEU A 133 -21.19 11.19 -7.67
N LEU A 134 -22.05 10.57 -6.87
CA LEU A 134 -22.46 9.19 -7.12
C LEU A 134 -23.38 9.06 -8.32
N LYS A 135 -23.99 10.16 -8.79
CA LYS A 135 -24.83 10.12 -9.99
C LYS A 135 -25.85 8.98 -9.96
N GLY A 136 -26.46 8.77 -8.79
CA GLY A 136 -27.47 7.74 -8.63
C GLY A 136 -26.93 6.36 -8.27
N GLY A 137 -25.62 6.14 -8.34
CA GLY A 137 -25.03 4.83 -8.11
C GLY A 137 -24.49 4.65 -6.71
N ARG A 138 -23.58 3.68 -6.56
CA ARG A 138 -23.07 3.29 -5.26
C ARG A 138 -21.55 3.45 -5.22
N LEU A 139 -21.01 3.59 -4.00
CA LEU A 139 -19.58 3.74 -3.78
C LEU A 139 -18.95 2.36 -3.56
N ALA A 140 -18.00 1.98 -4.41
CA ALA A 140 -17.32 0.71 -4.29
C ALA A 140 -16.22 0.80 -3.24
N VAL A 141 -16.23 -0.12 -2.27
CA VAL A 141 -15.26 -0.17 -1.19
C VAL A 141 -15.00 -1.63 -0.88
N GLY A 142 -13.82 -1.93 -0.36
CA GLY A 142 -13.66 -3.20 0.33
C GLY A 142 -14.61 -3.27 1.50
N ASP A 143 -15.10 -4.47 1.80
CA ASP A 143 -16.00 -4.68 2.93
C ASP A 143 -15.42 -4.02 4.17
N PRO A 144 -16.06 -2.97 4.69
CA PRO A 144 -15.45 -2.22 5.81
C PRO A 144 -15.38 -2.99 7.11
N GLN A 145 -15.99 -4.18 7.16
CA GLN A 145 -15.87 -5.01 8.35
C GLN A 145 -14.50 -5.67 8.44
N HIS A 146 -13.82 -5.88 7.30
CA HIS A 146 -12.54 -6.59 7.38
C HIS A 146 -11.50 -6.26 6.32
N VAL A 147 -11.88 -5.65 5.20
CA VAL A 147 -10.88 -5.30 4.19
C VAL A 147 -10.19 -4.01 4.60
N PRO A 148 -8.86 -3.98 4.72
CA PRO A 148 -8.21 -2.75 5.24
C PRO A 148 -8.58 -1.50 4.46
N ALA A 149 -8.57 -1.53 3.12
CA ALA A 149 -8.98 -0.34 2.38
C ALA A 149 -10.40 0.08 2.70
N GLY A 150 -11.26 -0.87 3.05
CA GLY A 150 -12.61 -0.52 3.43
C GLY A 150 -12.66 0.05 4.84
N ILE A 151 -11.88 -0.53 5.76
CA ILE A 151 -11.80 -0.01 7.12
C ILE A 151 -11.32 1.43 7.11
N TYR A 152 -10.31 1.73 6.29
CA TYR A 152 -9.75 3.07 6.19
C TYR A 152 -10.71 4.01 5.48
N ALA A 153 -11.37 3.53 4.41
CA ALA A 153 -12.43 4.32 3.77
C ALA A 153 -13.49 4.73 4.79
N LYS A 154 -13.95 3.77 5.59
CA LYS A 154 -14.96 4.06 6.59
C LYS A 154 -14.46 5.09 7.59
N GLU A 155 -13.24 4.92 8.09
CA GLU A 155 -12.61 5.89 8.98
C GLU A 155 -12.63 7.30 8.38
N ALA A 156 -12.12 7.44 7.16
CA ALA A 156 -12.02 8.76 6.55
C ALA A 156 -13.40 9.37 6.35
N LEU A 157 -14.39 8.57 5.92
CA LEU A 157 -15.72 9.12 5.69
C LEU A 157 -16.40 9.51 7.00
N GLN A 158 -16.23 8.73 8.07
CA GLN A 158 -16.79 9.13 9.36
C GLN A 158 -16.15 10.41 9.87
N LYS A 159 -14.82 10.51 9.77
CA LYS A 159 -14.11 11.69 10.24
C LYS A 159 -14.54 12.93 9.46
N LEU A 160 -14.76 12.78 8.15
CA LEU A 160 -15.19 13.91 7.33
C LEU A 160 -16.69 14.17 7.41
N GLY A 161 -17.45 13.37 8.14
CA GLY A 161 -18.88 13.60 8.28
C GLY A 161 -19.71 13.19 7.09
N ALA A 162 -19.20 12.29 6.25
CA ALA A 162 -19.91 11.83 5.07
C ALA A 162 -20.52 10.45 5.25
N TRP A 163 -20.21 9.76 6.35
CA TRP A 163 -20.62 8.35 6.47
C TRP A 163 -22.14 8.21 6.53
N GLU A 164 -22.82 9.14 7.20
CA GLU A 164 -24.28 9.08 7.25
C GLU A 164 -24.87 9.05 5.84
N THR A 165 -24.30 9.84 4.92
CA THR A 165 -24.78 9.87 3.54
C THR A 165 -24.41 8.59 2.79
N LEU A 166 -23.20 8.08 3.00
CA LEU A 166 -22.64 7.05 2.14
C LEU A 166 -22.96 5.64 2.60
N SER A 167 -23.21 5.44 3.90
CA SER A 167 -23.47 4.10 4.43
C SER A 167 -24.57 3.34 3.70
N PRO A 168 -25.74 3.92 3.39
CA PRO A 168 -26.75 3.18 2.62
C PRO A 168 -26.43 3.08 1.14
N LYS A 169 -25.29 3.60 0.69
CA LYS A 169 -25.00 3.69 -0.74
C LYS A 169 -23.68 3.01 -1.08
N LEU A 170 -23.30 1.99 -0.33
CA LEU A 170 -22.05 1.27 -0.55
C LEU A 170 -22.27 0.09 -1.49
N ALA A 171 -21.22 -0.21 -2.27
CA ALA A 171 -21.08 -1.46 -3.01
C ALA A 171 -19.86 -2.18 -2.44
N PRO A 172 -20.04 -2.93 -1.35
CA PRO A 172 -18.90 -3.60 -0.74
C PRO A 172 -18.40 -4.76 -1.59
N ALA A 173 -17.11 -5.04 -1.46
CA ALA A 173 -16.45 -6.09 -2.23
C ALA A 173 -15.56 -6.90 -1.31
N GLU A 174 -15.19 -8.09 -1.79
CA GLU A 174 -14.44 -9.06 -0.97
C GLU A 174 -13.01 -8.61 -0.69
N ASP A 175 -12.42 -7.85 -1.60
CA ASP A 175 -11.07 -7.31 -1.41
C ASP A 175 -10.96 -6.07 -2.28
N VAL A 176 -9.76 -5.48 -2.30
CA VAL A 176 -9.56 -4.27 -3.10
C VAL A 176 -9.75 -4.57 -4.58
N ARG A 177 -9.31 -5.73 -5.02
CA ARG A 177 -9.41 -6.06 -6.44
C ARG A 177 -10.88 -6.12 -6.87
N GLY A 178 -11.75 -6.61 -6.00
CA GLY A 178 -13.17 -6.64 -6.31
C GLY A 178 -13.79 -5.26 -6.36
N ALA A 179 -13.31 -4.35 -5.51
CA ALA A 179 -13.81 -2.98 -5.58
C ALA A 179 -13.29 -2.28 -6.82
N LEU A 180 -12.02 -2.51 -7.14
CA LEU A 180 -11.45 -1.98 -8.39
C LEU A 180 -12.22 -2.48 -9.61
N ALA A 181 -12.63 -3.75 -9.60
CA ALA A 181 -13.31 -4.32 -10.77
C ALA A 181 -14.65 -3.65 -11.00
N LEU A 182 -15.36 -3.28 -9.94
CA LEU A 182 -16.61 -2.54 -10.07
C LEU A 182 -16.37 -1.24 -10.84
N VAL A 183 -15.27 -0.56 -10.55
CA VAL A 183 -15.01 0.73 -11.20
C VAL A 183 -14.44 0.54 -12.60
N GLU A 184 -13.56 -0.46 -12.78
CA GLU A 184 -12.98 -0.66 -14.10
C GLU A 184 -14.03 -1.01 -15.13
N ARG A 185 -15.12 -1.63 -14.71
CA ARG A 185 -16.19 -2.04 -15.61
C ARG A 185 -17.33 -1.04 -15.67
N ASN A 186 -17.11 0.18 -15.16
CA ASN A 186 -18.10 1.25 -15.22
C ASN A 186 -19.38 0.90 -14.46
N GLU A 187 -19.31 -0.08 -13.56
CA GLU A 187 -20.48 -0.59 -12.85
C GLU A 187 -20.76 0.15 -11.55
N ALA A 188 -19.77 0.87 -11.01
CA ALA A 188 -19.88 1.80 -9.91
C ALA A 188 -19.18 3.10 -10.30
N PRO A 189 -19.76 4.26 -10.00
CA PRO A 189 -19.17 5.53 -10.47
C PRO A 189 -17.92 5.93 -9.71
N LEU A 190 -17.73 5.46 -8.47
CA LEU A 190 -16.58 5.80 -7.66
C LEU A 190 -16.19 4.60 -6.81
N GLY A 191 -14.92 4.58 -6.44
CA GLY A 191 -14.42 3.58 -5.51
C GLY A 191 -13.30 4.19 -4.68
N ILE A 192 -13.01 3.54 -3.55
CA ILE A 192 -11.91 3.96 -2.69
C ILE A 192 -10.90 2.84 -2.60
N VAL A 193 -9.67 3.12 -3.04
CA VAL A 193 -8.58 2.14 -3.06
C VAL A 193 -7.30 2.84 -2.61
N TYR A 194 -6.16 2.15 -2.71
CA TYR A 194 -4.87 2.75 -2.41
C TYR A 194 -4.25 3.36 -3.67
N GLY A 195 -3.35 4.33 -3.46
CA GLY A 195 -2.70 4.98 -4.59
C GLY A 195 -2.02 4.00 -5.52
N SER A 196 -1.37 2.98 -4.97
CA SER A 196 -0.68 2.00 -5.82
C SER A 196 -1.66 1.12 -6.58
N ASP A 197 -2.83 0.82 -6.00
CA ASP A 197 -3.86 0.09 -6.74
C ASP A 197 -4.34 0.89 -7.95
N ALA A 198 -4.53 2.20 -7.77
CA ALA A 198 -4.99 3.03 -8.88
C ALA A 198 -3.98 3.07 -10.02
N VAL A 199 -2.69 3.14 -9.68
CA VAL A 199 -1.65 3.16 -10.70
C VAL A 199 -1.59 1.83 -11.44
N ALA A 200 -1.83 0.72 -10.75
CA ALA A 200 -1.75 -0.58 -11.41
C ALA A 200 -2.96 -0.87 -12.30
N SER A 201 -4.05 -0.13 -12.15
CA SER A 201 -5.29 -0.36 -12.90
C SER A 201 -5.41 0.70 -14.00
N LYS A 202 -5.26 0.27 -15.25
CA LYS A 202 -5.40 1.22 -16.34
C LYS A 202 -6.86 1.60 -16.57
N GLY A 203 -7.80 0.83 -16.02
CA GLY A 203 -9.21 1.13 -16.21
C GLY A 203 -9.79 2.17 -15.28
N VAL A 204 -9.02 2.66 -14.31
CA VAL A 204 -9.53 3.66 -13.38
C VAL A 204 -8.58 4.86 -13.36
N LYS A 205 -9.10 5.99 -12.87
CA LYS A 205 -8.36 7.23 -12.76
C LYS A 205 -8.63 7.85 -11.39
N VAL A 206 -7.59 8.42 -10.79
CA VAL A 206 -7.74 9.09 -9.50
C VAL A 206 -8.48 10.42 -9.70
N VAL A 207 -9.54 10.62 -8.90
CA VAL A 207 -10.26 11.88 -8.89
C VAL A 207 -10.21 12.58 -7.55
N GLY A 208 -9.56 11.99 -6.55
CA GLY A 208 -9.41 12.67 -5.28
C GLY A 208 -8.58 11.85 -4.33
N THR A 209 -7.98 12.55 -3.36
CA THR A 209 -7.12 11.91 -2.36
C THR A 209 -7.60 12.35 -0.98
N PHE A 210 -7.77 11.38 -0.09
CA PHE A 210 -8.19 11.68 1.28
C PHE A 210 -7.02 12.32 2.04
N PRO A 211 -7.29 13.30 2.91
CA PRO A 211 -6.22 13.80 3.79
C PRO A 211 -5.66 12.67 4.66
N GLU A 212 -4.33 12.66 4.79
CA GLU A 212 -3.67 11.57 5.51
C GLU A 212 -4.19 11.42 6.93
N ALA A 213 -4.59 12.52 7.56
CA ALA A 213 -5.00 12.44 8.96
C ALA A 213 -6.46 12.04 9.12
N SER A 214 -7.23 11.91 8.02
CA SER A 214 -8.61 11.48 8.15
C SER A 214 -8.74 10.00 8.46
N HIS A 215 -7.64 9.25 8.49
CA HIS A 215 -7.69 7.80 8.68
C HIS A 215 -6.33 7.34 9.15
N GLN A 216 -6.26 6.08 9.60
CA GLN A 216 -4.96 5.54 9.99
C GLN A 216 -4.05 5.47 8.77
N LYS A 217 -2.79 5.82 8.96
CA LYS A 217 -1.86 5.87 7.84
C LYS A 217 -1.58 4.47 7.30
N VAL A 218 -1.62 4.33 5.98
CA VAL A 218 -1.15 3.13 5.30
C VAL A 218 0.35 3.25 5.14
N GLU A 219 1.10 2.33 5.75
CA GLU A 219 2.54 2.46 5.90
C GLU A 219 3.23 1.11 5.76
N TYR A 220 4.39 1.13 5.10
CA TYR A 220 5.25 -0.04 4.88
C TYR A 220 6.56 0.15 5.62
N PRO A 221 6.73 -0.45 6.80
CA PRO A 221 8.01 -0.38 7.50
C PRO A 221 9.02 -1.36 6.94
N LEU A 222 10.29 -0.98 7.03
CA LEU A 222 11.42 -1.77 6.62
C LEU A 222 12.31 -1.96 7.83
N ALA A 223 12.88 -3.16 7.99
CA ALA A 223 13.82 -3.42 9.07
C ALA A 223 14.82 -4.48 8.64
N ILE A 224 15.99 -4.47 9.26
CA ILE A 224 16.95 -5.56 9.08
C ILE A 224 16.58 -6.68 10.04
N VAL A 225 16.61 -7.91 9.55
CA VAL A 225 16.24 -9.02 10.39
C VAL A 225 17.35 -9.24 11.42
N ASP A 226 16.96 -9.59 12.65
CA ASP A 226 17.93 -9.74 13.73
C ASP A 226 19.05 -10.70 13.35
N GLY A 227 20.29 -10.27 13.54
CA GLY A 227 21.46 -11.04 13.17
C GLY A 227 21.97 -10.85 11.75
N HIS A 228 21.35 -10.00 10.94
CA HIS A 228 21.67 -9.90 9.52
C HIS A 228 22.24 -8.53 9.15
N ARG A 229 22.64 -7.71 10.12
CA ARG A 229 23.21 -6.38 9.87
C ARG A 229 24.69 -6.46 9.47
N ASN A 230 24.94 -6.97 8.29
CA ASN A 230 26.28 -7.00 7.73
C ASN A 230 26.42 -5.92 6.66
N ALA A 231 27.63 -5.80 6.08
CA ALA A 231 27.90 -4.70 5.16
C ALA A 231 26.99 -4.73 3.94
N ALA A 232 26.86 -5.90 3.29
CA ALA A 232 26.09 -5.96 2.05
C ALA A 232 24.62 -5.71 2.31
N VAL A 233 24.08 -6.28 3.38
CA VAL A 233 22.68 -6.06 3.72
C VAL A 233 22.45 -4.59 4.02
N SER A 234 23.38 -4.00 4.78
CA SER A 234 23.24 -2.61 5.19
C SER A 234 23.26 -1.68 3.99
N ALA A 235 24.07 -2.02 2.97
CA ALA A 235 24.16 -1.16 1.78
C ALA A 235 22.87 -1.20 0.96
N PHE A 236 22.22 -2.36 0.86
CA PHE A 236 20.96 -2.39 0.12
C PHE A 236 19.85 -1.75 0.95
N TYR A 237 19.85 -2.02 2.25
CA TYR A 237 19.01 -1.29 3.20
C TYR A 237 19.08 0.22 2.95
N ASP A 238 20.28 0.77 2.83
CA ASP A 238 20.39 2.21 2.58
C ASP A 238 19.88 2.57 1.18
N TYR A 239 20.21 1.75 0.18
CA TYR A 239 19.80 2.02 -1.19
C TYR A 239 18.29 2.11 -1.34
N LEU A 240 17.54 1.33 -0.55
CA LEU A 240 16.09 1.37 -0.66
C LEU A 240 15.52 2.75 -0.32
N LYS A 241 16.29 3.58 0.38
CA LYS A 241 15.85 4.91 0.77
C LYS A 241 16.41 6.00 -0.14
N GLY A 242 17.23 5.63 -1.12
CA GLY A 242 17.93 6.58 -1.98
C GLY A 242 17.15 6.92 -3.24
N PRO A 243 17.77 7.67 -4.14
CA PRO A 243 17.00 8.25 -5.25
C PRO A 243 16.47 7.24 -6.25
N GLU A 244 17.26 6.23 -6.61
CA GLU A 244 16.84 5.31 -7.65
C GLU A 244 15.66 4.47 -7.18
N ALA A 245 15.76 3.92 -5.98
CA ALA A 245 14.65 3.14 -5.43
C ALA A 245 13.43 4.02 -5.18
N SER A 246 13.62 5.23 -4.67
CA SER A 246 12.47 6.12 -4.45
C SER A 246 11.75 6.42 -5.76
N ALA A 247 12.48 6.66 -6.84
CA ALA A 247 11.81 6.94 -8.10
C ALA A 247 10.97 5.75 -8.53
N ILE A 248 11.47 4.54 -8.32
CA ILE A 248 10.73 3.35 -8.73
C ILE A 248 9.47 3.21 -7.89
N PHE A 249 9.58 3.41 -6.56
CA PHE A 249 8.40 3.30 -5.72
C PHE A 249 7.33 4.31 -6.13
N LYS A 250 7.73 5.57 -6.34
CA LYS A 250 6.79 6.59 -6.78
C LYS A 250 6.17 6.24 -8.13
N ARG A 251 6.95 5.64 -9.03
CA ARG A 251 6.37 5.25 -10.31
C ARG A 251 5.25 4.24 -10.13
N TYR A 252 5.31 3.39 -9.11
CA TYR A 252 4.27 2.44 -8.81
C TYR A 252 3.19 3.01 -7.89
N GLY A 253 3.26 4.30 -7.58
CA GLY A 253 2.18 4.94 -6.87
C GLY A 253 2.33 4.97 -5.38
N PHE A 254 3.45 4.50 -4.83
CA PHE A 254 3.69 4.62 -3.41
C PHE A 254 4.24 6.01 -3.09
N THR A 255 4.11 6.42 -1.84
CA THR A 255 4.82 7.60 -1.38
C THR A 255 6.06 7.15 -0.63
N THR A 256 7.09 8.00 -0.62
CA THR A 256 8.38 7.65 -0.05
C THR A 256 8.72 8.55 1.12
N ARG A 257 9.80 8.22 1.82
CA ARG A 257 10.17 8.89 3.07
C ARG A 257 11.65 9.29 3.10
#